data_8XOQ
#
_entry.id   8XOQ
#
_cell.length_a   32.065
_cell.length_b   121.849
_cell.length_c   62.208
_cell.angle_alpha   90.00
_cell.angle_beta   91.74
_cell.angle_gamma   90.00
#
_symmetry.space_group_name_H-M   'P 1 21 1'
#
loop_
_entity.id
_entity.type
_entity.pdbx_description
1 polymer 'Transmembrane channel-like protein 1,Calcium and integrin-binding family member 2'
2 non-polymer 'MAGNESIUM ION'
3 water water
#
_entity_poly.entity_id   1
_entity_poly.type   'polypeptide(L)'
_entity_poly.pdbx_seq_one_letter_code
;GPGSEEELERLKAELDEKRQIIATVKCKPWKMEKKIEVLKEAKKFVSENEGALGKGSLVPRGSMGNKQTIFTEEQLDNYQ
DCTFFNKKDILKLHSRFYELAPNLVPMDYRKSPIVHVPMSLIIQMPELRENPFKERIVAAFSEDGEGNLTFNDFVDMFSV
LCESAPRELKANYAFKIYDFNTDNFICKEDLELTLARLTKSELDEEEVVLVCDKVIEEADLDGDGKLGFADFEDMIAKAP
DFLSTFHIRI
;
_entity_poly.pdbx_strand_id   A,B
#
loop_
_chem_comp.id
_chem_comp.type
_chem_comp.name
_chem_comp.formula
MG non-polymer 'MAGNESIUM ION' 'Mg 2'
#
# COMPACT_ATOMS: atom_id res chain seq x y z
N GLY A 3 -24.82 21.28 24.48
CA GLY A 3 -23.89 21.17 25.63
C GLY A 3 -23.73 19.72 26.09
N SER A 4 -24.61 19.29 27.01
CA SER A 4 -24.63 17.94 27.52
C SER A 4 -25.13 16.98 26.44
N GLU A 5 -26.14 17.41 25.68
CA GLU A 5 -26.61 16.64 24.54
C GLU A 5 -25.43 16.33 23.63
N GLU A 6 -24.57 17.35 23.40
CA GLU A 6 -23.38 17.19 22.59
C GLU A 6 -22.41 16.23 23.28
N GLU A 7 -22.23 16.42 24.61
CA GLU A 7 -21.28 15.65 25.40
C GLU A 7 -21.67 14.18 25.41
N LEU A 8 -22.94 13.89 25.69
CA LEU A 8 -23.46 12.53 25.75
C LEU A 8 -23.29 11.86 24.38
N GLU A 9 -23.44 12.64 23.31
CA GLU A 9 -23.35 12.14 21.95
C GLU A 9 -21.90 11.79 21.62
N ARG A 10 -20.99 12.60 22.15
CA ARG A 10 -19.54 12.46 21.95
C ARG A 10 -19.04 11.21 22.69
N LEU A 11 -19.69 10.84 23.80
CA LEU A 11 -19.35 9.68 24.61
C LEU A 11 -19.91 8.42 23.97
N LYS A 12 -21.16 8.51 23.48
CA LYS A 12 -21.84 7.42 22.81
C LYS A 12 -21.06 6.99 21.58
N ALA A 13 -20.59 7.97 20.79
CA ALA A 13 -19.83 7.72 19.59
C ALA A 13 -18.50 7.06 19.92
N GLU A 14 -17.83 7.51 20.99
CA GLU A 14 -16.53 6.96 21.35
C GLU A 14 -16.70 5.53 21.85
N LEU A 15 -17.80 5.29 22.58
CA LEU A 15 -18.13 3.96 23.07
C LEU A 15 -18.41 3.02 21.90
N ASP A 16 -19.22 3.46 20.93
CA ASP A 16 -19.62 2.63 19.81
C ASP A 16 -18.41 2.30 18.94
N GLU A 17 -17.55 3.31 18.69
CA GLU A 17 -16.35 3.10 17.90
C GLU A 17 -15.42 2.09 18.59
N LYS A 18 -15.31 2.16 19.93
CA LYS A 18 -14.47 1.22 20.64
C LYS A 18 -14.99 -0.22 20.49
N ARG A 19 -16.30 -0.41 20.60
CA ARG A 19 -16.93 -1.72 20.44
C ARG A 19 -16.75 -2.27 19.03
N GLN A 20 -16.86 -1.40 18.02
CA GLN A 20 -16.68 -1.79 16.64
C GLN A 20 -15.21 -2.20 16.41
N ILE A 21 -14.26 -1.45 17.00
CA ILE A 21 -12.85 -1.76 16.90
C ILE A 21 -12.55 -3.10 17.56
N ILE A 22 -13.11 -3.34 18.74
CA ILE A 22 -12.91 -4.60 19.45
C ILE A 22 -13.43 -5.79 18.63
N ALA A 23 -14.56 -5.63 17.96
CA ALA A 23 -15.17 -6.71 17.20
C ALA A 23 -14.48 -6.98 15.86
N THR A 24 -13.70 -6.03 15.33
CA THR A 24 -13.24 -6.16 13.95
C THR A 24 -11.72 -6.15 13.83
N VAL A 25 -10.98 -6.17 14.93
CA VAL A 25 -9.52 -6.28 14.86
C VAL A 25 -9.13 -7.62 14.23
N LYS A 26 -9.92 -8.67 14.45
CA LYS A 26 -9.66 -9.98 13.88
C LYS A 26 -9.78 -10.00 12.36
N CYS A 27 -10.54 -9.05 11.80
CA CYS A 27 -10.76 -8.94 10.36
C CYS A 27 -9.61 -8.21 9.66
N LYS A 28 -8.64 -7.70 10.44
CA LYS A 28 -7.64 -6.78 9.94
C LYS A 28 -6.41 -7.55 9.48
N PRO A 29 -5.79 -7.17 8.34
CA PRO A 29 -4.56 -7.81 7.89
C PRO A 29 -3.34 -7.32 8.67
N TRP A 30 -3.40 -7.49 10.00
CA TRP A 30 -2.38 -7.03 10.91
C TRP A 30 -1.72 -8.22 11.59
N LYS A 31 -0.50 -8.00 12.07
CA LYS A 31 0.16 -8.98 12.92
C LYS A 31 -0.55 -9.05 14.28
N MET A 32 -0.37 -10.20 14.94
CA MET A 32 -1.01 -10.48 16.21
C MET A 32 -0.69 -9.42 17.26
N GLU A 33 0.57 -8.99 17.34
CA GLU A 33 1.00 -8.07 18.39
C GLU A 33 0.31 -6.71 18.24
N LYS A 34 0.15 -6.24 17.00
CA LYS A 34 -0.56 -4.99 16.72
C LYS A 34 -2.05 -5.15 17.05
N LYS A 35 -2.64 -6.28 16.69
CA LYS A 35 -4.05 -6.51 16.95
C LYS A 35 -4.31 -6.46 18.46
N ILE A 36 -3.41 -7.05 19.27
CA ILE A 36 -3.59 -7.12 20.71
C ILE A 36 -3.48 -5.72 21.34
N GLU A 37 -2.57 -4.89 20.82
CA GLU A 37 -2.36 -3.54 21.32
C GLU A 37 -3.59 -2.67 21.08
N VAL A 38 -4.11 -2.66 19.84
CA VAL A 38 -5.30 -1.91 19.50
C VAL A 38 -6.47 -2.39 20.35
N LEU A 39 -6.64 -3.71 20.46
CA LEU A 39 -7.69 -4.30 21.27
C LEU A 39 -7.57 -3.84 22.73
N LYS A 40 -6.37 -3.85 23.29
CA LYS A 40 -6.18 -3.49 24.68
C LYS A 40 -6.61 -2.04 24.90
N GLU A 41 -6.15 -1.15 24.02
CA GLU A 41 -6.46 0.27 24.12
C GLU A 41 -7.97 0.50 24.03
N ALA A 42 -8.70 -0.39 23.34
CA ALA A 42 -10.12 -0.21 23.12
C ALA A 42 -10.95 -0.84 24.25
N LYS A 43 -10.44 -1.94 24.85
CA LYS A 43 -11.16 -2.71 25.84
C LYS A 43 -11.24 -1.99 27.19
N LYS A 44 -10.23 -1.18 27.51
CA LYS A 44 -10.28 -0.33 28.70
C LYS A 44 -11.67 0.30 28.84
N PHE A 45 -12.29 0.12 30.01
CA PHE A 45 -13.66 0.52 30.31
C PHE A 45 -14.63 -0.43 29.62
N VAL A 46 -14.75 -0.34 28.28
CA VAL A 46 -15.68 -1.17 27.54
C VAL A 46 -15.58 -2.61 28.07
N GLY A 54 -18.88 -12.44 44.63
CA GLY A 54 -18.98 -13.67 45.45
C GLY A 54 -19.33 -13.35 46.90
N LYS A 55 -20.41 -13.95 47.43
CA LYS A 55 -20.90 -13.63 48.77
C LYS A 55 -20.07 -14.30 49.87
N GLY A 56 -20.19 -15.63 50.01
CA GLY A 56 -19.53 -16.35 51.09
C GLY A 56 -18.18 -16.93 50.65
N SER A 57 -17.66 -16.45 49.51
CA SER A 57 -16.40 -16.93 48.97
C SER A 57 -15.68 -15.78 48.27
N LEU A 58 -14.34 -15.74 48.41
CA LEU A 58 -13.51 -14.80 47.68
C LEU A 58 -13.18 -15.38 46.30
N VAL A 59 -13.72 -16.57 46.03
CA VAL A 59 -13.56 -17.25 44.75
C VAL A 59 -14.65 -16.77 43.81
N PRO A 60 -14.33 -16.20 42.62
CA PRO A 60 -15.36 -15.84 41.66
C PRO A 60 -16.23 -17.05 41.29
N ARG A 61 -17.55 -16.87 41.35
CA ARG A 61 -18.52 -17.99 41.19
C ARG A 61 -18.20 -18.83 39.96
N GLY A 62 -18.27 -18.25 38.78
CA GLY A 62 -17.92 -19.02 37.60
C GLY A 62 -16.68 -19.87 37.87
N SER A 63 -16.62 -21.09 37.31
CA SER A 63 -15.63 -22.08 37.70
C SER A 63 -14.21 -21.65 37.29
N ASN A 66 -7.79 -23.28 34.89
CA ASN A 66 -6.36 -23.65 34.67
C ASN A 66 -6.30 -25.14 34.34
N LYS A 67 -6.81 -25.48 33.16
CA LYS A 67 -6.86 -26.86 32.71
C LYS A 67 -5.64 -27.15 31.85
N GLN A 68 -4.79 -26.13 31.67
CA GLN A 68 -3.65 -26.23 30.77
C GLN A 68 -2.57 -25.30 31.32
N THR A 69 -1.31 -25.64 31.03
CA THR A 69 -0.16 -24.88 31.52
C THR A 69 0.66 -24.31 30.36
N ILE A 70 0.07 -24.22 29.16
CA ILE A 70 0.80 -23.75 28.00
C ILE A 70 0.62 -22.25 27.84
N PHE A 71 -0.61 -21.76 28.09
CA PHE A 71 -0.96 -20.37 27.89
C PHE A 71 -1.64 -19.83 29.14
N THR A 72 -1.46 -18.53 29.43
CA THR A 72 -2.28 -17.85 30.42
C THR A 72 -3.69 -17.68 29.84
N GLU A 73 -4.65 -17.40 30.72
CA GLU A 73 -6.03 -17.18 30.30
C GLU A 73 -6.12 -15.85 29.55
N GLU A 74 -5.34 -14.86 30.00
CA GLU A 74 -5.28 -13.57 29.32
C GLU A 74 -4.76 -13.74 27.90
N GLN A 75 -3.75 -14.60 27.70
CA GLN A 75 -3.24 -14.88 26.37
C GLN A 75 -4.31 -15.56 25.52
N LEU A 76 -5.07 -16.48 26.13
CA LEU A 76 -6.14 -17.17 25.43
C LEU A 76 -7.25 -16.19 25.05
N ASP A 77 -7.57 -15.25 25.95
CA ASP A 77 -8.59 -14.25 25.66
C ASP A 77 -8.18 -13.38 24.49
N ASN A 78 -6.91 -12.97 24.47
CA ASN A 78 -6.41 -12.08 23.44
C ASN A 78 -6.44 -12.80 22.08
N TYR A 79 -6.02 -14.08 22.06
CA TYR A 79 -6.03 -14.88 20.84
C TYR A 79 -7.44 -14.98 20.28
N GLN A 80 -8.42 -15.21 21.16
CA GLN A 80 -9.81 -15.38 20.76
C GLN A 80 -10.38 -14.09 20.20
N ASP A 81 -9.99 -12.94 20.79
CA ASP A 81 -10.53 -11.66 20.39
C ASP A 81 -9.85 -11.17 19.11
N CYS A 82 -8.63 -11.64 18.84
CA CYS A 82 -7.83 -11.15 17.72
C CYS A 82 -7.80 -12.14 16.55
N THR A 83 -8.57 -13.24 16.64
CA THR A 83 -8.66 -14.28 15.62
C THR A 83 -10.11 -14.77 15.51
N PHE A 84 -10.35 -15.72 14.60
CA PHE A 84 -11.64 -16.37 14.43
C PHE A 84 -11.61 -17.75 15.11
N PHE A 85 -10.64 -17.96 15.98
CA PHE A 85 -10.47 -19.22 16.70
C PHE A 85 -10.97 -19.08 18.14
N ASN A 86 -11.39 -20.19 18.74
CA ASN A 86 -11.71 -20.25 20.15
C ASN A 86 -10.49 -20.83 20.87
N LYS A 87 -10.61 -21.01 22.19
CA LYS A 87 -9.45 -21.33 23.02
C LYS A 87 -8.97 -22.78 22.79
N LYS A 88 -9.91 -23.71 22.64
CA LYS A 88 -9.58 -25.10 22.34
C LYS A 88 -8.87 -25.19 20.99
N ASP A 89 -9.29 -24.34 20.04
CA ASP A 89 -8.66 -24.26 18.73
C ASP A 89 -7.22 -23.79 18.87
N ILE A 90 -6.97 -22.79 19.74
CA ILE A 90 -5.62 -22.27 19.96
C ILE A 90 -4.74 -23.36 20.54
N LEU A 91 -5.24 -24.13 21.52
CA LEU A 91 -4.47 -25.22 22.09
C LEU A 91 -4.18 -26.28 21.03
N LYS A 92 -5.13 -26.53 20.11
CA LYS A 92 -4.93 -27.47 19.01
C LYS A 92 -3.82 -26.97 18.09
N LEU A 93 -3.87 -25.69 17.74
CA LEU A 93 -2.89 -25.10 16.85
C LEU A 93 -1.48 -25.21 17.46
N HIS A 94 -1.37 -25.05 18.78
CA HIS A 94 -0.09 -25.21 19.47
C HIS A 94 0.47 -26.61 19.28
N SER A 95 -0.36 -27.64 19.45
CA SER A 95 0.08 -29.01 19.30
C SER A 95 0.51 -29.27 17.86
N ARG A 96 -0.20 -28.67 16.88
CA ARG A 96 0.21 -28.77 15.49
C ARG A 96 1.56 -28.10 15.29
N PHE A 97 1.78 -26.92 15.91
CA PHE A 97 3.03 -26.18 15.75
C PHE A 97 4.17 -26.97 16.39
N TYR A 98 3.91 -27.56 17.57
CA TYR A 98 4.88 -28.36 18.30
C TYR A 98 5.32 -29.58 17.49
N GLU A 99 4.35 -30.24 16.85
CA GLU A 99 4.60 -31.46 16.09
C GLU A 99 5.61 -31.19 14.98
N LEU A 100 5.66 -29.95 14.47
CA LEU A 100 6.50 -29.59 13.34
C LEU A 100 7.96 -29.49 13.77
N ALA A 101 8.18 -29.20 15.06
CA ALA A 101 9.54 -29.03 15.55
C ALA A 101 9.56 -29.21 17.06
N PRO A 102 9.35 -30.45 17.55
CA PRO A 102 9.14 -30.70 18.98
C PRO A 102 10.29 -30.28 19.88
N ASN A 103 11.48 -30.07 19.30
CA ASN A 103 12.67 -29.75 20.08
C ASN A 103 12.92 -28.25 20.16
N LEU A 104 12.11 -27.46 19.46
CA LEU A 104 12.28 -26.03 19.40
C LEU A 104 11.05 -25.33 20.00
N VAL A 105 9.86 -25.83 19.65
CA VAL A 105 8.60 -25.21 20.07
C VAL A 105 8.42 -25.46 21.56
N PRO A 106 8.26 -24.39 22.37
CA PRO A 106 8.04 -24.52 23.81
C PRO A 106 6.70 -25.17 24.15
N MET A 107 6.67 -25.89 25.27
CA MET A 107 5.45 -26.43 25.83
C MET A 107 4.83 -25.45 26.83
N ASP A 108 5.55 -24.36 27.15
CA ASP A 108 5.01 -23.31 28.00
C ASP A 108 5.26 -21.95 27.36
N TYR A 109 4.17 -21.25 26.99
CA TYR A 109 4.25 -19.97 26.31
C TYR A 109 3.81 -18.84 27.23
N ARG A 110 3.62 -19.13 28.52
CA ARG A 110 3.07 -18.17 29.47
C ARG A 110 3.99 -16.97 29.65
N LYS A 111 5.31 -17.15 29.52
CA LYS A 111 6.26 -16.04 29.60
C LYS A 111 6.57 -15.48 28.20
N SER A 112 5.68 -15.74 27.24
CA SER A 112 5.76 -15.21 25.87
C SER A 112 7.16 -15.40 25.26
N PRO A 113 7.65 -16.64 25.09
CA PRO A 113 8.92 -16.86 24.42
C PRO A 113 8.84 -16.64 22.91
N ILE A 114 9.95 -16.18 22.30
CA ILE A 114 10.00 -15.92 20.87
C ILE A 114 10.81 -17.02 20.19
N VAL A 115 10.14 -17.84 19.37
CA VAL A 115 10.76 -18.98 18.69
C VAL A 115 10.26 -19.01 17.26
N HIS A 116 11.18 -19.17 16.30
CA HIS A 116 10.83 -19.20 14.88
C HIS A 116 11.01 -20.62 14.34
N VAL A 117 9.99 -21.12 13.65
CA VAL A 117 10.10 -22.42 13.01
C VAL A 117 10.45 -22.16 11.55
N PRO A 118 11.46 -22.88 10.97
CA PRO A 118 11.79 -22.69 9.56
C PRO A 118 10.63 -22.99 8.60
N MET A 119 10.55 -22.21 7.52
CA MET A 119 9.57 -22.38 6.46
C MET A 119 9.54 -23.82 5.96
N SER A 120 10.71 -24.42 5.71
CA SER A 120 10.80 -25.74 5.11
C SER A 120 9.99 -26.74 5.93
N LEU A 121 9.97 -26.55 7.26
CA LEU A 121 9.22 -27.42 8.16
C LEU A 121 7.71 -27.13 8.09
N ILE A 122 7.31 -25.86 7.92
CA ILE A 122 5.90 -25.48 7.95
C ILE A 122 5.17 -25.97 6.69
N ILE A 123 5.84 -25.85 5.53
CA ILE A 123 5.24 -26.20 4.24
C ILE A 123 5.08 -27.71 4.10
N GLN A 124 5.63 -28.48 5.05
CA GLN A 124 5.46 -29.94 5.04
C GLN A 124 4.15 -30.34 5.70
N MET A 125 3.44 -29.40 6.35
CA MET A 125 2.14 -29.68 6.93
C MET A 125 1.20 -30.23 5.87
N PRO A 126 0.37 -31.24 6.19
CA PRO A 126 -0.62 -31.77 5.24
C PRO A 126 -1.56 -30.72 4.66
N GLU A 127 -1.87 -29.67 5.45
CA GLU A 127 -2.77 -28.62 5.02
C GLU A 127 -2.12 -27.64 4.05
N LEU A 128 -0.78 -27.65 3.93
CA LEU A 128 -0.08 -26.73 3.05
C LEU A 128 0.69 -27.44 1.93
N ARG A 129 1.06 -28.72 2.12
CA ARG A 129 1.93 -29.44 1.19
C ARG A 129 1.47 -29.40 -0.26
N GLU A 130 0.16 -29.50 -0.50
CA GLU A 130 -0.37 -29.57 -1.84
C GLU A 130 -0.75 -28.19 -2.37
N ASN A 131 -0.49 -27.12 -1.60
CA ASN A 131 -0.84 -25.77 -2.03
C ASN A 131 0.27 -25.24 -2.91
N PRO A 132 -0.03 -24.84 -4.16
CA PRO A 132 0.99 -24.34 -5.08
C PRO A 132 1.59 -23.00 -4.68
N PHE A 133 1.10 -22.40 -3.57
CA PHE A 133 1.57 -21.10 -3.13
C PHE A 133 2.08 -21.17 -1.69
N LYS A 134 2.38 -22.39 -1.21
CA LYS A 134 2.65 -22.65 0.20
C LYS A 134 3.78 -21.77 0.75
N GLU A 135 4.89 -21.66 0.01
CA GLU A 135 6.03 -20.85 0.45
C GLU A 135 5.63 -19.38 0.55
N ARG A 136 4.91 -18.90 -0.45
CA ARG A 136 4.53 -17.49 -0.48
C ARG A 136 3.55 -17.17 0.65
N ILE A 137 2.63 -18.10 0.96
CA ILE A 137 1.65 -17.91 2.01
C ILE A 137 2.37 -17.80 3.36
N VAL A 138 3.32 -18.71 3.60
CA VAL A 138 4.03 -18.74 4.87
C VAL A 138 4.86 -17.47 5.00
N ALA A 139 5.54 -17.09 3.91
CA ALA A 139 6.38 -15.90 3.92
C ALA A 139 5.56 -14.64 4.20
N ALA A 140 4.31 -14.61 3.71
CA ALA A 140 3.43 -13.46 3.86
C ALA A 140 3.11 -13.17 5.33
N PHE A 141 3.20 -14.18 6.20
CA PHE A 141 2.84 -14.02 7.61
C PHE A 141 4.12 -13.91 8.45
N SER A 142 5.25 -13.61 7.79
CA SER A 142 6.52 -13.36 8.45
C SER A 142 6.91 -11.91 8.21
N GLU A 143 7.49 -11.26 9.22
CA GLU A 143 7.93 -9.87 9.13
C GLU A 143 9.12 -9.71 8.19
N ASP A 144 9.94 -10.76 8.06
CA ASP A 144 11.14 -10.73 7.23
C ASP A 144 10.87 -11.17 5.80
N GLY A 145 9.72 -11.81 5.52
CA GLY A 145 9.40 -12.33 4.20
C GLY A 145 10.07 -13.67 3.89
N GLU A 146 10.67 -14.32 4.89
CA GLU A 146 11.41 -15.56 4.70
C GLU A 146 10.62 -16.78 5.18
N GLY A 147 9.51 -16.56 5.91
CA GLY A 147 8.64 -17.66 6.30
C GLY A 147 9.10 -18.40 7.56
N ASN A 148 9.93 -17.77 8.38
CA ASN A 148 10.33 -18.34 9.65
C ASN A 148 9.35 -17.86 10.73
N LEU A 149 8.30 -18.65 10.99
CA LEU A 149 7.12 -18.18 11.71
C LEU A 149 7.24 -18.42 13.22
N THR A 150 6.74 -17.44 13.99
CA THR A 150 6.44 -17.63 15.40
C THR A 150 5.05 -18.27 15.47
N PHE A 151 4.62 -18.64 16.67
CA PHE A 151 3.29 -19.20 16.86
C PHE A 151 2.23 -18.15 16.52
N ASN A 152 2.52 -16.89 16.86
CA ASN A 152 1.62 -15.78 16.58
C ASN A 152 1.39 -15.70 15.07
N ASP A 153 2.48 -15.81 14.30
CA ASP A 153 2.41 -15.77 12.85
C ASP A 153 1.61 -16.98 12.34
N PHE A 154 1.84 -18.17 12.91
CA PHE A 154 1.15 -19.38 12.47
C PHE A 154 -0.36 -19.25 12.72
N VAL A 155 -0.74 -18.62 13.84
CA VAL A 155 -2.14 -18.47 14.19
C VAL A 155 -2.79 -17.45 13.26
N ASP A 156 -2.08 -16.35 12.95
CA ASP A 156 -2.59 -15.34 12.04
C ASP A 156 -2.88 -16.01 10.70
N MET A 157 -1.95 -16.85 10.23
CA MET A 157 -2.06 -17.49 8.93
C MET A 157 -3.33 -18.33 8.88
N PHE A 158 -3.55 -19.16 9.90
CA PHE A 158 -4.70 -20.06 9.85
C PHE A 158 -6.01 -19.31 10.10
N SER A 159 -5.97 -18.19 10.82
CA SER A 159 -7.15 -17.36 11.02
C SER A 159 -7.59 -16.75 9.69
N VAL A 160 -6.62 -16.27 8.89
CA VAL A 160 -6.91 -15.76 7.55
C VAL A 160 -7.45 -16.88 6.67
N LEU A 161 -6.90 -18.10 6.78
CA LEU A 161 -7.28 -19.21 5.90
C LEU A 161 -8.56 -19.91 6.36
N CYS A 162 -9.05 -19.66 7.58
CA CYS A 162 -10.27 -20.31 8.06
C CYS A 162 -11.50 -19.79 7.32
N GLU A 163 -12.62 -20.52 7.45
CA GLU A 163 -13.85 -20.24 6.71
C GLU A 163 -14.64 -19.09 7.35
N SER A 164 -14.31 -18.74 8.60
CA SER A 164 -14.98 -17.66 9.29
C SER A 164 -14.39 -16.30 8.88
N ALA A 165 -13.26 -16.31 8.17
CA ALA A 165 -12.57 -15.09 7.79
C ALA A 165 -13.22 -14.48 6.56
N PRO A 166 -13.39 -13.14 6.54
CA PRO A 166 -14.05 -12.45 5.44
C PRO A 166 -13.22 -12.42 4.16
N ARG A 167 -13.90 -12.30 3.00
CA ARG A 167 -13.25 -12.34 1.70
C ARG A 167 -12.18 -11.26 1.60
N GLU A 168 -12.43 -10.08 2.16
CA GLU A 168 -11.53 -8.94 2.05
C GLU A 168 -10.18 -9.23 2.74
N LEU A 169 -10.18 -9.88 3.91
CA LEU A 169 -8.95 -10.21 4.62
C LEU A 169 -8.09 -11.16 3.78
N LYS A 170 -8.73 -12.17 3.16
CA LYS A 170 -8.02 -13.12 2.33
C LYS A 170 -7.44 -12.41 1.11
N ALA A 171 -8.23 -11.51 0.52
CA ALA A 171 -7.86 -10.75 -0.68
C ALA A 171 -6.66 -9.87 -0.41
N ASN A 172 -6.55 -9.31 0.81
CA ASN A 172 -5.41 -8.51 1.22
C ASN A 172 -4.12 -9.32 1.04
N TYR A 173 -4.13 -10.55 1.52
CA TYR A 173 -2.94 -11.39 1.45
C TYR A 173 -2.73 -11.91 0.03
N ALA A 174 -3.82 -12.24 -0.68
CA ALA A 174 -3.73 -12.72 -2.04
C ALA A 174 -3.08 -11.69 -2.95
N PHE A 175 -3.40 -10.40 -2.73
CA PHE A 175 -2.87 -9.33 -3.55
C PHE A 175 -1.34 -9.36 -3.49
N LYS A 176 -0.78 -9.66 -2.30
CA LYS A 176 0.66 -9.69 -2.12
C LYS A 176 1.25 -11.00 -2.66
N ILE A 177 0.59 -12.12 -2.39
CA ILE A 177 1.12 -13.44 -2.68
C ILE A 177 1.13 -13.69 -4.19
N TYR A 178 0.18 -13.09 -4.91
CA TYR A 178 0.12 -13.24 -6.35
C TYR A 178 0.99 -12.19 -7.06
N ASP A 179 1.49 -11.20 -6.30
CA ASP A 179 2.39 -10.19 -6.85
C ASP A 179 3.81 -10.73 -6.94
N PHE A 180 4.06 -11.55 -7.97
CA PHE A 180 5.36 -12.20 -8.12
C PHE A 180 6.44 -11.15 -8.40
N ASN A 181 6.09 -10.03 -9.06
CA ASN A 181 7.09 -9.02 -9.45
C ASN A 181 7.24 -7.93 -8.39
N THR A 182 6.56 -8.08 -7.24
CA THR A 182 6.61 -7.18 -6.09
C THR A 182 6.65 -5.71 -6.52
N ASP A 183 5.60 -5.27 -7.20
CA ASP A 183 5.49 -3.89 -7.65
C ASP A 183 4.23 -3.24 -7.07
N ASN A 184 3.51 -3.94 -6.18
CA ASN A 184 2.27 -3.48 -5.58
C ASN A 184 1.16 -3.44 -6.63
N PHE A 185 1.29 -4.25 -7.69
CA PHE A 185 0.29 -4.38 -8.73
C PHE A 185 0.17 -5.85 -9.13
N ILE A 186 -0.99 -6.25 -9.65
CA ILE A 186 -1.17 -7.54 -10.28
C ILE A 186 -1.30 -7.33 -11.79
N CYS A 187 -0.32 -7.83 -12.55
CA CYS A 187 -0.33 -7.71 -14.00
C CYS A 187 -0.59 -9.08 -14.64
N LYS A 188 -0.54 -9.12 -15.99
CA LYS A 188 -0.71 -10.35 -16.76
C LYS A 188 0.42 -11.31 -16.45
N GLU A 189 1.62 -10.79 -16.21
CA GLU A 189 2.74 -11.65 -15.88
C GLU A 189 2.54 -12.29 -14.49
N ASP A 190 2.14 -11.49 -13.50
CA ASP A 190 1.82 -12.02 -12.17
C ASP A 190 0.70 -13.05 -12.28
N LEU A 191 -0.34 -12.72 -13.04
CA LEU A 191 -1.53 -13.56 -13.11
C LEU A 191 -1.24 -14.85 -13.89
N GLU A 192 -0.35 -14.81 -14.90
CA GLU A 192 0.03 -15.99 -15.68
C GLU A 192 0.69 -17.04 -14.77
N LEU A 193 1.61 -16.58 -13.91
CA LEU A 193 2.29 -17.45 -12.95
C LEU A 193 1.30 -17.97 -11.93
N THR A 194 0.32 -17.14 -11.53
CA THR A 194 -0.67 -17.52 -10.54
C THR A 194 -1.59 -18.59 -11.12
N LEU A 195 -2.09 -18.36 -12.33
CA LEU A 195 -3.09 -19.22 -12.93
C LEU A 195 -2.47 -20.56 -13.32
N ALA A 196 -1.21 -20.56 -13.78
CA ALA A 196 -0.52 -21.80 -14.10
C ALA A 196 -0.39 -22.68 -12.86
N ARG A 197 -0.08 -22.08 -11.71
CA ARG A 197 0.01 -22.79 -10.44
C ARG A 197 -1.37 -23.24 -9.97
N LEU A 198 -2.37 -22.35 -10.08
CA LEU A 198 -3.73 -22.67 -9.68
C LEU A 198 -4.32 -23.78 -10.56
N THR A 199 -3.89 -23.89 -11.83
CA THR A 199 -4.43 -24.90 -12.74
C THR A 199 -3.67 -26.20 -12.61
N LYS A 200 -2.55 -26.21 -11.87
CA LYS A 200 -1.83 -27.43 -11.60
C LYS A 200 -1.66 -28.24 -12.89
N SER A 201 -1.23 -27.57 -13.96
CA SER A 201 -1.07 -28.19 -15.27
C SER A 201 -2.38 -28.86 -15.72
N GLU A 202 -3.45 -28.07 -15.80
CA GLU A 202 -4.68 -28.47 -16.47
C GLU A 202 -4.82 -27.65 -17.74
N LEU A 203 -3.96 -26.63 -17.87
CA LEU A 203 -4.01 -25.68 -18.96
C LEU A 203 -2.63 -25.54 -19.59
N ASP A 204 -2.61 -25.27 -20.89
CA ASP A 204 -1.37 -24.98 -21.58
C ASP A 204 -0.95 -23.54 -21.33
N GLU A 205 0.30 -23.25 -21.69
CA GLU A 205 0.88 -21.93 -21.51
C GLU A 205 0.07 -20.90 -22.28
N GLU A 206 -0.27 -21.23 -23.53
CA GLU A 206 -1.01 -20.34 -24.39
C GLU A 206 -2.40 -20.05 -23.83
N GLU A 207 -3.08 -21.09 -23.34
CA GLU A 207 -4.40 -20.93 -22.75
C GLU A 207 -4.33 -19.99 -21.54
N VAL A 208 -3.27 -20.12 -20.73
CA VAL A 208 -3.09 -19.31 -19.53
C VAL A 208 -2.96 -17.84 -19.94
N VAL A 209 -2.15 -17.57 -20.98
CA VAL A 209 -1.96 -16.22 -21.49
C VAL A 209 -3.32 -15.62 -21.89
N LEU A 210 -4.10 -16.39 -22.66
CA LEU A 210 -5.39 -15.94 -23.15
C LEU A 210 -6.36 -15.60 -22.00
N VAL A 211 -6.49 -16.49 -21.00
CA VAL A 211 -7.42 -16.26 -19.90
C VAL A 211 -6.98 -15.01 -19.14
N CYS A 212 -5.67 -14.90 -18.86
CA CYS A 212 -5.13 -13.82 -18.04
C CYS A 212 -5.29 -12.46 -18.74
N ASP A 213 -5.06 -12.43 -20.06
CA ASP A 213 -5.23 -11.22 -20.84
C ASP A 213 -6.65 -10.70 -20.66
N LYS A 214 -7.64 -11.56 -20.91
CA LYS A 214 -9.04 -11.16 -20.80
C LYS A 214 -9.38 -10.72 -19.39
N VAL A 215 -8.89 -11.46 -18.38
CA VAL A 215 -9.24 -11.15 -17.00
C VAL A 215 -8.78 -9.72 -16.66
N ILE A 216 -7.48 -9.41 -16.87
CA ILE A 216 -6.91 -8.11 -16.58
C ILE A 216 -7.67 -7.03 -17.33
N GLU A 217 -7.88 -7.23 -18.64
CA GLU A 217 -8.52 -6.23 -19.49
C GLU A 217 -9.92 -5.88 -18.97
N GLU A 218 -10.63 -6.85 -18.39
CA GLU A 218 -11.99 -6.60 -17.94
C GLU A 218 -12.00 -5.90 -16.59
N ALA A 219 -10.92 -6.03 -15.81
CA ALA A 219 -10.91 -5.50 -14.46
C ALA A 219 -10.13 -4.19 -14.38
N ASP A 220 -9.19 -3.97 -15.30
CA ASP A 220 -8.33 -2.80 -15.26
C ASP A 220 -9.10 -1.58 -15.73
N LEU A 221 -9.20 -0.56 -14.86
CA LEU A 221 -10.03 0.59 -15.15
C LEU A 221 -9.21 1.85 -15.40
N ASP A 222 -7.87 1.73 -15.46
CA ASP A 222 -7.01 2.89 -15.62
C ASP A 222 -6.06 2.73 -16.80
N GLY A 223 -6.07 1.59 -17.50
CA GLY A 223 -5.45 1.45 -18.79
C GLY A 223 -3.99 1.03 -18.76
N ASP A 224 -3.49 0.55 -17.61
CA ASP A 224 -2.08 0.24 -17.48
C ASP A 224 -1.82 -1.26 -17.60
N GLY A 225 -2.90 -2.07 -17.64
CA GLY A 225 -2.77 -3.53 -17.67
C GLY A 225 -2.27 -4.08 -16.34
N LYS A 226 -2.41 -3.28 -15.27
CA LYS A 226 -1.97 -3.66 -13.93
C LYS A 226 -3.11 -3.36 -12.96
N LEU A 227 -3.38 -4.27 -12.03
CA LEU A 227 -4.49 -4.11 -11.10
C LEU A 227 -3.98 -3.63 -9.75
N GLY A 228 -4.68 -2.65 -9.15
CA GLY A 228 -4.51 -2.27 -7.77
C GLY A 228 -5.52 -3.03 -6.92
N PHE A 229 -5.48 -2.83 -5.58
CA PHE A 229 -6.26 -3.69 -4.70
C PHE A 229 -7.71 -3.67 -5.16
N ALA A 230 -8.21 -2.48 -5.50
CA ALA A 230 -9.64 -2.31 -5.76
C ALA A 230 -10.05 -3.10 -7.00
N ASP A 231 -9.26 -2.99 -8.06
CA ASP A 231 -9.52 -3.71 -9.30
C ASP A 231 -9.31 -5.21 -9.10
N PHE A 232 -8.37 -5.61 -8.24
CA PHE A 232 -8.14 -7.02 -7.96
C PHE A 232 -9.34 -7.58 -7.19
N GLU A 233 -9.91 -6.78 -6.29
CA GLU A 233 -11.07 -7.21 -5.52
C GLU A 233 -12.23 -7.56 -6.45
N ASP A 234 -12.50 -6.69 -7.43
CA ASP A 234 -13.52 -6.92 -8.42
C ASP A 234 -13.24 -8.21 -9.18
N MET A 235 -11.98 -8.40 -9.58
CA MET A 235 -11.59 -9.56 -10.36
C MET A 235 -11.84 -10.84 -9.54
N ILE A 236 -11.61 -10.78 -8.23
CA ILE A 236 -11.87 -11.90 -7.33
C ILE A 236 -13.36 -12.22 -7.30
N ALA A 237 -14.18 -11.17 -7.21
CA ALA A 237 -15.64 -11.29 -7.16
C ALA A 237 -16.20 -12.01 -8.39
N LYS A 238 -15.68 -11.68 -9.58
CA LYS A 238 -16.14 -12.31 -10.81
C LYS A 238 -15.54 -13.71 -10.94
N ALA A 239 -14.31 -13.91 -10.45
CA ALA A 239 -13.64 -15.20 -10.57
C ALA A 239 -13.14 -15.70 -9.21
N PRO A 240 -14.04 -16.24 -8.34
CA PRO A 240 -13.67 -16.57 -6.97
C PRO A 240 -12.72 -17.75 -6.80
N ASP A 241 -12.48 -18.54 -7.84
CA ASP A 241 -11.52 -19.63 -7.72
C ASP A 241 -10.09 -19.10 -7.53
N PHE A 242 -9.85 -17.81 -7.79
CA PHE A 242 -8.56 -17.21 -7.48
C PHE A 242 -8.31 -17.21 -5.96
N LEU A 243 -9.38 -17.38 -5.16
CA LEU A 243 -9.27 -17.35 -3.71
C LEU A 243 -9.40 -18.75 -3.11
N SER A 244 -9.38 -19.80 -3.93
CA SER A 244 -9.44 -21.15 -3.41
C SER A 244 -8.14 -21.49 -2.69
N THR A 245 -7.04 -20.84 -3.09
CA THR A 245 -5.75 -20.99 -2.42
C THR A 245 -5.87 -20.67 -0.93
N PHE A 246 -6.74 -19.72 -0.57
CA PHE A 246 -6.80 -19.16 0.78
C PHE A 246 -7.95 -19.73 1.60
N HIS A 247 -8.46 -20.92 1.23
CA HIS A 247 -9.46 -21.61 2.05
C HIS A 247 -8.84 -22.91 2.55
N ILE A 248 -8.27 -22.86 3.77
CA ILE A 248 -7.64 -24.04 4.37
C ILE A 248 -8.15 -24.21 5.80
N ARG A 249 -8.62 -25.43 6.09
CA ARG A 249 -9.15 -25.77 7.38
C ARG A 249 -8.10 -26.55 8.16
N ILE A 250 -7.94 -26.21 9.45
CA ILE A 250 -7.01 -26.91 10.34
C ILE A 250 -7.81 -27.50 11.52
N GLU B 7 -23.07 -3.44 -31.41
CA GLU B 7 -21.65 -3.53 -30.96
C GLU B 7 -20.91 -2.20 -31.21
N LEU B 8 -21.36 -1.42 -32.21
CA LEU B 8 -20.79 -0.11 -32.45
C LEU B 8 -20.76 0.68 -31.14
N GLU B 9 -21.78 0.49 -30.29
CA GLU B 9 -21.83 1.13 -28.98
C GLU B 9 -20.64 0.71 -28.13
N ARG B 10 -20.25 -0.57 -28.20
CA ARG B 10 -19.12 -1.10 -27.44
C ARG B 10 -17.78 -0.52 -27.94
N LEU B 11 -17.61 -0.33 -29.25
CA LEU B 11 -16.40 0.29 -29.75
C LEU B 11 -16.40 1.77 -29.36
N LYS B 12 -17.59 2.38 -29.37
CA LYS B 12 -17.70 3.80 -29.08
C LYS B 12 -17.46 4.06 -27.59
N ALA B 13 -17.77 3.07 -26.74
CA ALA B 13 -17.54 3.18 -25.31
C ALA B 13 -16.05 2.98 -25.01
N GLU B 14 -15.43 2.01 -25.68
CA GLU B 14 -14.02 1.73 -25.47
C GLU B 14 -13.20 2.92 -25.99
N LEU B 15 -13.60 3.50 -27.12
CA LEU B 15 -12.91 4.67 -27.66
C LEU B 15 -12.94 5.82 -26.65
N ASP B 16 -14.09 6.03 -26.01
CA ASP B 16 -14.28 7.09 -25.03
C ASP B 16 -13.42 6.82 -23.80
N GLU B 17 -13.34 5.57 -23.35
CA GLU B 17 -12.52 5.19 -22.22
C GLU B 17 -11.05 5.49 -22.53
N LYS B 18 -10.62 5.17 -23.76
CA LYS B 18 -9.24 5.39 -24.15
C LYS B 18 -8.93 6.89 -24.12
N ARG B 19 -9.89 7.70 -24.59
CA ARG B 19 -9.74 9.14 -24.63
C ARG B 19 -9.60 9.69 -23.21
N GLN B 20 -10.40 9.14 -22.27
CA GLN B 20 -10.33 9.55 -20.88
C GLN B 20 -8.95 9.23 -20.31
N ILE B 21 -8.42 8.05 -20.64
CA ILE B 21 -7.08 7.65 -20.21
C ILE B 21 -6.05 8.62 -20.77
N ILE B 22 -6.16 8.95 -22.07
CA ILE B 22 -5.19 9.80 -22.74
C ILE B 22 -5.15 11.15 -22.04
N ALA B 23 -6.33 11.61 -21.59
CA ALA B 23 -6.46 12.95 -21.06
C ALA B 23 -6.10 13.04 -19.58
N THR B 24 -5.98 11.91 -18.85
CA THR B 24 -5.80 11.94 -17.41
C THR B 24 -4.50 11.25 -16.98
N VAL B 25 -3.67 10.78 -17.91
CA VAL B 25 -2.41 10.14 -17.52
C VAL B 25 -1.51 11.15 -16.81
N LYS B 26 -1.61 12.44 -17.17
CA LYS B 26 -0.86 13.51 -16.52
C LYS B 26 -1.27 13.69 -15.05
N CYS B 27 -2.45 13.19 -14.66
CA CYS B 27 -2.98 13.31 -13.30
C CYS B 27 -2.54 12.13 -12.44
N LYS B 28 -1.79 11.18 -13.02
CA LYS B 28 -1.47 9.93 -12.35
C LYS B 28 -0.17 10.04 -11.56
N PRO B 29 -0.08 9.41 -10.37
CA PRO B 29 1.18 9.36 -9.63
C PRO B 29 2.14 8.35 -10.21
N TRP B 30 2.38 8.42 -11.54
CA TRP B 30 3.18 7.43 -12.22
C TRP B 30 4.42 8.10 -12.81
N LYS B 31 5.45 7.29 -13.07
CA LYS B 31 6.68 7.78 -13.69
C LYS B 31 6.42 8.09 -15.17
N MET B 32 7.27 8.94 -15.75
CA MET B 32 7.09 9.43 -17.10
C MET B 32 6.95 8.27 -18.10
N GLU B 33 7.82 7.26 -17.97
CA GLU B 33 7.87 6.16 -18.92
C GLU B 33 6.58 5.33 -18.85
N LYS B 34 6.01 5.17 -17.65
CA LYS B 34 4.76 4.45 -17.52
C LYS B 34 3.64 5.25 -18.19
N LYS B 35 3.63 6.57 -17.95
CA LYS B 35 2.59 7.42 -18.50
C LYS B 35 2.64 7.40 -20.03
N ILE B 36 3.85 7.42 -20.60
CA ILE B 36 4.03 7.46 -22.06
C ILE B 36 3.61 6.13 -22.68
N GLU B 37 3.92 5.01 -22.01
CA GLU B 37 3.55 3.69 -22.47
C GLU B 37 2.03 3.56 -22.54
N VAL B 38 1.33 4.02 -21.49
CA VAL B 38 -0.12 3.94 -21.40
C VAL B 38 -0.74 4.88 -22.43
N LEU B 39 -0.18 6.08 -22.59
CA LEU B 39 -0.67 7.03 -23.57
C LEU B 39 -0.62 6.41 -24.97
N LYS B 40 0.56 5.87 -25.35
CA LYS B 40 0.79 5.29 -26.67
C LYS B 40 -0.19 4.17 -26.98
N GLU B 41 -0.43 3.27 -26.01
CA GLU B 41 -1.34 2.16 -26.19
C GLU B 41 -2.75 2.66 -26.45
N ALA B 42 -3.18 3.66 -25.66
CA ALA B 42 -4.52 4.21 -25.82
C ALA B 42 -4.64 4.93 -27.16
N LYS B 43 -3.60 5.70 -27.55
CA LYS B 43 -3.61 6.45 -28.80
C LYS B 43 -3.61 5.51 -30.02
N LYS B 44 -3.01 4.33 -29.88
CA LYS B 44 -2.98 3.32 -30.93
C LYS B 44 -4.37 2.73 -31.14
N PHE B 45 -5.04 2.32 -30.04
CA PHE B 45 -6.40 1.83 -30.11
C PHE B 45 -7.26 2.83 -30.88
N VAL B 46 -7.11 4.12 -30.57
CA VAL B 46 -7.99 5.13 -31.14
C VAL B 46 -7.73 5.27 -32.64
N SER B 47 -6.46 5.31 -33.05
CA SER B 47 -6.12 5.54 -34.45
C SER B 47 -6.47 4.33 -35.32
N GLU B 48 -6.36 3.11 -34.79
CA GLU B 48 -6.62 1.92 -35.58
C GLU B 48 -8.12 1.58 -35.68
N ASN B 49 -8.97 2.25 -34.91
CA ASN B 49 -10.39 1.89 -34.90
C ASN B 49 -11.30 3.05 -35.31
N GLU B 50 -10.76 4.28 -35.40
CA GLU B 50 -11.58 5.45 -35.72
C GLU B 50 -11.59 5.72 -37.23
N GLY B 51 -10.57 5.23 -37.94
CA GLY B 51 -10.42 5.50 -39.37
C GLY B 51 -11.29 6.66 -39.82
N GLY B 65 5.99 25.33 -33.37
CA GLY B 65 6.41 26.29 -32.33
C GLY B 65 7.94 26.42 -32.24
N ASN B 66 8.59 26.83 -33.35
CA ASN B 66 10.01 27.16 -33.37
C ASN B 66 10.89 25.91 -33.30
N LYS B 67 11.61 25.60 -34.39
CA LYS B 67 12.42 24.39 -34.49
C LYS B 67 13.55 24.42 -33.46
N GLN B 68 13.88 23.23 -32.91
CA GLN B 68 14.95 23.04 -31.94
C GLN B 68 15.55 21.65 -32.14
N THR B 69 16.71 21.38 -31.53
CA THR B 69 17.39 20.11 -31.75
C THR B 69 17.72 19.39 -30.45
N ILE B 70 17.04 19.74 -29.35
CA ILE B 70 17.26 19.01 -28.09
C ILE B 70 16.32 17.82 -28.03
N PHE B 71 15.04 18.01 -28.39
CA PHE B 71 14.05 16.95 -28.35
C PHE B 71 13.43 16.75 -29.73
N THR B 72 12.94 15.54 -30.01
CA THR B 72 12.10 15.28 -31.17
C THR B 72 10.72 15.84 -30.86
N GLU B 73 9.93 16.08 -31.92
CA GLU B 73 8.56 16.56 -31.76
C GLU B 73 7.71 15.49 -31.09
N GLU B 74 7.98 14.22 -31.39
CA GLU B 74 7.29 13.11 -30.73
C GLU B 74 7.46 13.23 -29.22
N GLN B 75 8.70 13.41 -28.74
CA GLN B 75 8.95 13.39 -27.31
C GLN B 75 8.41 14.66 -26.65
N LEU B 76 8.38 15.78 -27.36
CA LEU B 76 7.74 16.97 -26.82
C LEU B 76 6.23 16.77 -26.71
N ASP B 77 5.63 16.11 -27.70
CA ASP B 77 4.20 15.82 -27.68
C ASP B 77 3.89 14.90 -26.50
N ASN B 78 4.72 13.86 -26.33
CA ASN B 78 4.57 12.91 -25.24
C ASN B 78 4.67 13.64 -23.89
N TYR B 79 5.64 14.57 -23.74
CA TYR B 79 5.82 15.33 -22.52
C TYR B 79 4.58 16.21 -22.24
N GLN B 80 4.05 16.86 -23.28
CA GLN B 80 2.88 17.73 -23.14
C GLN B 80 1.66 16.90 -22.69
N ASP B 81 1.53 15.69 -23.23
CA ASP B 81 0.39 14.84 -22.93
C ASP B 81 0.52 14.17 -21.56
N CYS B 82 1.75 14.05 -21.02
CA CYS B 82 1.94 13.31 -19.77
C CYS B 82 2.22 14.24 -18.59
N THR B 83 2.22 15.56 -18.83
CA THR B 83 2.44 16.54 -17.78
C THR B 83 1.45 17.69 -17.93
N PHE B 84 1.54 18.67 -17.02
CA PHE B 84 0.74 19.88 -17.10
C PHE B 84 1.54 21.02 -17.75
N PHE B 85 2.57 20.69 -18.53
CA PHE B 85 3.47 21.66 -19.12
C PHE B 85 3.25 21.75 -20.63
N ASN B 86 3.64 22.88 -21.23
CA ASN B 86 3.68 23.01 -22.68
C ASN B 86 5.10 22.71 -23.17
N LYS B 87 5.28 22.70 -24.50
CA LYS B 87 6.55 22.34 -25.13
C LYS B 87 7.63 23.35 -24.76
N LYS B 88 7.23 24.62 -24.63
CA LYS B 88 8.16 25.68 -24.27
C LYS B 88 8.63 25.48 -22.84
N ASP B 89 7.72 25.02 -21.98
CA ASP B 89 8.04 24.80 -20.58
C ASP B 89 9.11 23.70 -20.46
N ILE B 90 9.02 22.66 -21.31
CA ILE B 90 9.91 21.52 -21.24
C ILE B 90 11.33 21.99 -21.54
N LEU B 91 11.44 22.86 -22.55
CA LEU B 91 12.73 23.38 -22.99
C LEU B 91 13.31 24.31 -21.94
N LYS B 92 12.46 25.00 -21.18
CA LYS B 92 12.93 25.77 -20.03
C LYS B 92 13.46 24.84 -18.96
N LEU B 93 12.73 23.76 -18.67
CA LEU B 93 13.13 22.82 -17.65
C LEU B 93 14.45 22.16 -18.06
N HIS B 94 14.64 21.85 -19.34
CA HIS B 94 15.92 21.31 -19.80
C HIS B 94 17.08 22.22 -19.46
N SER B 95 16.96 23.49 -19.85
CA SER B 95 17.96 24.50 -19.55
C SER B 95 18.21 24.58 -18.05
N ARG B 96 17.15 24.47 -17.24
CA ARG B 96 17.27 24.54 -15.80
C ARG B 96 18.00 23.31 -15.23
N PHE B 97 17.82 22.13 -15.84
CA PHE B 97 18.50 20.90 -15.43
C PHE B 97 19.97 20.93 -15.88
N TYR B 98 20.24 21.46 -17.08
CA TYR B 98 21.59 21.58 -17.63
C TYR B 98 22.43 22.47 -16.72
N GLU B 99 21.82 23.57 -16.27
CA GLU B 99 22.49 24.55 -15.43
C GLU B 99 22.94 23.89 -14.12
N LEU B 100 22.24 22.83 -13.69
CA LEU B 100 22.55 22.17 -12.42
C LEU B 100 23.84 21.38 -12.55
N ALA B 101 24.07 20.80 -13.73
CA ALA B 101 25.26 19.98 -13.96
C ALA B 101 25.68 20.06 -15.42
N PRO B 102 26.30 21.18 -15.87
CA PRO B 102 26.53 21.37 -17.30
C PRO B 102 27.52 20.38 -17.90
N ASN B 103 28.21 19.58 -17.08
CA ASN B 103 29.13 18.59 -17.63
C ASN B 103 28.55 17.18 -17.54
N LEU B 104 27.33 17.02 -17.02
CA LEU B 104 26.68 15.71 -17.01
C LEU B 104 25.47 15.74 -17.94
N VAL B 105 24.70 16.83 -17.91
CA VAL B 105 23.41 16.90 -18.60
C VAL B 105 23.66 17.07 -20.10
N PRO B 106 23.15 16.15 -20.94
CA PRO B 106 23.31 16.25 -22.38
C PRO B 106 22.46 17.36 -22.99
N MET B 107 22.88 17.82 -24.16
CA MET B 107 22.16 18.86 -24.87
C MET B 107 21.32 18.26 -25.99
N ASP B 108 21.48 16.95 -26.24
CA ASP B 108 20.69 16.25 -27.23
C ASP B 108 20.04 15.05 -26.54
N TYR B 109 18.71 15.13 -26.36
CA TYR B 109 17.98 14.10 -25.66
C TYR B 109 17.23 13.24 -26.69
N ARG B 110 17.50 13.46 -27.97
CA ARG B 110 16.69 12.88 -29.04
C ARG B 110 16.78 11.36 -29.02
N LYS B 111 17.90 10.81 -28.54
CA LYS B 111 18.04 9.36 -28.40
C LYS B 111 17.78 8.91 -26.96
N SER B 112 17.02 9.69 -26.19
CA SER B 112 16.64 9.34 -24.82
C SER B 112 17.85 8.90 -23.99
N PRO B 113 18.92 9.71 -23.87
CA PRO B 113 20.03 9.38 -22.99
C PRO B 113 19.62 9.39 -21.52
N ILE B 114 20.24 8.49 -20.73
CA ILE B 114 19.91 8.35 -19.31
C ILE B 114 21.08 8.93 -18.50
N VAL B 115 20.81 10.02 -17.78
CA VAL B 115 21.81 10.70 -16.97
C VAL B 115 21.17 11.08 -15.64
N HIS B 116 21.85 10.80 -14.54
CA HIS B 116 21.35 11.08 -13.20
C HIS B 116 22.15 12.24 -12.59
N VAL B 117 21.43 13.26 -12.11
CA VAL B 117 22.06 14.39 -11.45
C VAL B 117 21.88 14.19 -9.95
N PRO B 118 22.94 14.35 -9.12
CA PRO B 118 22.79 14.12 -7.68
C PRO B 118 21.82 15.06 -6.96
N MET B 119 21.23 14.54 -5.88
CA MET B 119 20.25 15.27 -5.08
C MET B 119 20.81 16.58 -4.55
N SER B 120 22.08 16.62 -4.10
CA SER B 120 22.71 17.81 -3.54
C SER B 120 22.61 18.98 -4.51
N LEU B 121 22.88 18.70 -5.78
CA LEU B 121 22.79 19.69 -6.83
C LEU B 121 21.35 20.11 -7.04
N ILE B 122 20.41 19.16 -7.08
CA ILE B 122 19.03 19.50 -7.35
C ILE B 122 18.48 20.39 -6.23
N ILE B 123 18.79 20.06 -4.96
CA ILE B 123 18.18 20.76 -3.82
C ILE B 123 18.71 22.18 -3.69
N GLN B 124 19.83 22.50 -4.36
CA GLN B 124 20.41 23.84 -4.28
C GLN B 124 19.62 24.83 -5.14
N MET B 125 18.69 24.33 -5.97
CA MET B 125 17.89 25.20 -6.82
C MET B 125 17.08 26.18 -5.97
N PRO B 126 16.94 27.45 -6.41
CA PRO B 126 16.13 28.45 -5.71
C PRO B 126 14.70 28.01 -5.37
N GLU B 127 14.11 27.16 -6.23
CA GLU B 127 12.74 26.71 -6.06
C GLU B 127 12.60 25.75 -4.89
N LEU B 128 13.67 25.04 -4.51
CA LEU B 128 13.61 24.02 -3.45
C LEU B 128 14.47 24.38 -2.23
N ARG B 129 15.40 25.33 -2.37
CA ARG B 129 16.39 25.63 -1.34
C ARG B 129 15.76 25.88 0.03
N GLU B 130 14.62 26.59 0.05
CA GLU B 130 14.01 27.05 1.28
C GLU B 130 12.94 26.06 1.75
N ASN B 131 12.58 25.07 0.91
CA ASN B 131 11.57 24.09 1.28
C ASN B 131 12.13 23.14 2.34
N PRO B 132 11.45 23.00 3.50
CA PRO B 132 11.91 22.12 4.57
C PRO B 132 11.75 20.62 4.33
N PHE B 133 11.16 20.21 3.19
CA PHE B 133 11.06 18.80 2.80
C PHE B 133 11.73 18.55 1.44
N LYS B 134 12.72 19.38 1.09
CA LYS B 134 13.33 19.38 -0.24
C LYS B 134 13.97 18.04 -0.57
N GLU B 135 14.75 17.48 0.37
CA GLU B 135 15.44 16.23 0.12
C GLU B 135 14.41 15.11 -0.10
N ARG B 136 13.33 15.13 0.69
CA ARG B 136 12.33 14.08 0.62
C ARG B 136 11.47 14.23 -0.63
N ILE B 137 11.21 15.47 -1.05
CA ILE B 137 10.50 15.72 -2.29
C ILE B 137 11.30 15.12 -3.44
N VAL B 138 12.60 15.43 -3.51
CA VAL B 138 13.44 14.97 -4.62
C VAL B 138 13.53 13.45 -4.63
N ALA B 139 13.62 12.81 -3.44
CA ALA B 139 13.82 11.36 -3.36
C ALA B 139 12.57 10.62 -3.81
N ALA B 140 11.40 11.22 -3.58
CA ALA B 140 10.13 10.61 -3.91
C ALA B 140 9.92 10.48 -5.41
N PHE B 141 10.67 11.26 -6.21
CA PHE B 141 10.56 11.19 -7.66
C PHE B 141 11.71 10.35 -8.22
N SER B 142 12.41 9.63 -7.34
CA SER B 142 13.42 8.67 -7.77
C SER B 142 12.90 7.26 -7.47
N GLU B 143 13.21 6.31 -8.36
CA GLU B 143 12.87 4.90 -8.17
C GLU B 143 13.62 4.30 -6.98
N ASP B 144 14.91 4.67 -6.83
CA ASP B 144 15.77 4.14 -5.79
C ASP B 144 15.56 4.84 -4.45
N GLY B 145 14.87 5.98 -4.43
CA GLY B 145 14.65 6.72 -3.19
C GLY B 145 15.87 7.54 -2.74
N GLU B 146 16.86 7.73 -3.63
CA GLU B 146 18.09 8.46 -3.32
C GLU B 146 18.10 9.89 -3.88
N GLY B 147 17.15 10.23 -4.77
CA GLY B 147 17.01 11.58 -5.27
C GLY B 147 18.02 11.92 -6.37
N ASN B 148 18.57 10.90 -7.03
CA ASN B 148 19.50 11.13 -8.13
C ASN B 148 18.67 11.11 -9.41
N LEU B 149 18.10 12.27 -9.77
CA LEU B 149 17.02 12.36 -10.74
C LEU B 149 17.54 12.42 -12.17
N THR B 150 16.76 11.80 -13.07
CA THR B 150 16.87 12.03 -14.51
C THR B 150 16.04 13.24 -14.86
N PHE B 151 16.07 13.64 -16.14
CA PHE B 151 15.24 14.73 -16.63
C PHE B 151 13.77 14.34 -16.50
N ASN B 152 13.43 13.10 -16.88
CA ASN B 152 12.06 12.61 -16.76
C ASN B 152 11.56 12.76 -15.33
N ASP B 153 12.37 12.36 -14.33
CA ASP B 153 12.00 12.52 -12.93
C ASP B 153 11.82 14.00 -12.56
N PHE B 154 12.69 14.88 -13.09
CA PHE B 154 12.69 16.31 -12.81
C PHE B 154 11.41 16.95 -13.34
N VAL B 155 10.96 16.52 -14.53
CA VAL B 155 9.73 17.03 -15.13
C VAL B 155 8.54 16.51 -14.34
N ASP B 156 8.59 15.24 -13.94
CA ASP B 156 7.56 14.64 -13.11
C ASP B 156 7.38 15.48 -11.85
N MET B 157 8.50 15.79 -11.18
CA MET B 157 8.48 16.49 -9.91
C MET B 157 7.81 17.85 -10.08
N PHE B 158 8.23 18.64 -11.07
CA PHE B 158 7.70 19.98 -11.20
C PHE B 158 6.27 19.99 -11.76
N SER B 159 5.87 18.94 -12.50
CA SER B 159 4.48 18.79 -12.95
C SER B 159 3.55 18.58 -11.76
N VAL B 160 3.92 17.69 -10.83
CA VAL B 160 3.16 17.47 -9.62
C VAL B 160 3.14 18.75 -8.79
N LEU B 161 4.25 19.51 -8.78
CA LEU B 161 4.36 20.66 -7.88
C LEU B 161 3.69 21.90 -8.46
N CYS B 162 3.33 21.88 -9.76
CA CYS B 162 2.75 23.05 -10.41
C CYS B 162 1.31 23.27 -9.96
N GLU B 163 0.78 24.46 -10.29
CA GLU B 163 -0.52 24.89 -9.81
C GLU B 163 -1.66 24.29 -10.65
N SER B 164 -1.34 23.74 -11.83
CA SER B 164 -2.32 23.11 -12.69
C SER B 164 -2.61 21.67 -12.27
N ALA B 165 -1.80 21.10 -11.37
CA ALA B 165 -1.92 19.70 -10.96
C ALA B 165 -3.02 19.54 -9.92
N PRO B 166 -3.83 18.46 -10.03
CA PRO B 166 -4.90 18.17 -9.08
C PRO B 166 -4.41 17.84 -7.66
N ARG B 167 -5.25 18.14 -6.66
CA ARG B 167 -4.91 17.98 -5.26
C ARG B 167 -4.55 16.53 -4.92
N GLU B 168 -5.23 15.56 -5.55
CA GLU B 168 -5.07 14.16 -5.24
C GLU B 168 -3.69 13.65 -5.68
N LEU B 169 -3.17 14.20 -6.78
CA LEU B 169 -1.82 13.88 -7.24
C LEU B 169 -0.79 14.32 -6.20
N LYS B 170 -0.93 15.55 -5.68
CA LYS B 170 -0.03 16.07 -4.66
C LYS B 170 -0.13 15.23 -3.38
N ALA B 171 -1.34 14.81 -3.01
CA ALA B 171 -1.60 14.02 -1.80
C ALA B 171 -0.88 12.66 -1.84
N ASN B 172 -0.85 11.98 -3.00
CA ASN B 172 -0.14 10.71 -3.15
C ASN B 172 1.33 10.86 -2.80
N TYR B 173 1.95 11.88 -3.41
CA TYR B 173 3.34 12.20 -3.10
C TYR B 173 3.47 12.65 -1.66
N ALA B 174 2.53 13.45 -1.15
CA ALA B 174 2.63 13.98 0.20
C ALA B 174 2.60 12.84 1.21
N PHE B 175 1.82 11.79 0.91
CA PHE B 175 1.69 10.64 1.79
C PHE B 175 3.02 9.91 1.91
N LYS B 176 3.74 9.78 0.78
CA LYS B 176 5.07 9.17 0.82
C LYS B 176 6.07 10.11 1.51
N ILE B 177 5.99 11.44 1.24
CA ILE B 177 6.99 12.38 1.68
C ILE B 177 6.90 12.62 3.18
N TYR B 178 5.71 12.44 3.74
CA TYR B 178 5.50 12.70 5.16
C TYR B 178 5.60 11.40 5.96
N ASP B 179 5.78 10.25 5.29
CA ASP B 179 5.96 8.98 5.98
C ASP B 179 7.42 8.80 6.36
N PHE B 180 7.86 9.51 7.42
CA PHE B 180 9.25 9.50 7.83
C PHE B 180 9.69 8.11 8.30
N ASN B 181 8.79 7.32 8.91
CA ASN B 181 9.14 5.99 9.42
C ASN B 181 8.94 4.89 8.37
N THR B 182 8.59 5.27 7.13
CA THR B 182 8.55 4.36 5.99
C THR B 182 7.79 3.07 6.31
N ASP B 183 6.52 3.21 6.73
CA ASP B 183 5.69 2.08 7.11
C ASP B 183 4.43 2.01 6.24
N ASN B 184 4.25 2.96 5.30
CA ASN B 184 3.08 3.07 4.45
C ASN B 184 1.87 3.53 5.26
N PHE B 185 2.14 4.25 6.36
CA PHE B 185 1.13 4.82 7.22
C PHE B 185 1.59 6.20 7.68
N ILE B 186 0.63 7.07 8.04
CA ILE B 186 0.96 8.35 8.67
C ILE B 186 0.51 8.29 10.12
N CYS B 187 1.47 8.16 11.05
CA CYS B 187 1.21 8.18 12.49
C CYS B 187 1.38 9.59 13.04
N LYS B 188 1.30 9.72 14.37
CA LYS B 188 1.49 11.00 15.06
C LYS B 188 2.97 11.37 15.07
N GLU B 189 3.85 10.36 15.05
CA GLU B 189 5.29 10.62 14.98
C GLU B 189 5.64 11.18 13.60
N ASP B 190 5.04 10.62 12.56
CA ASP B 190 5.22 11.14 11.21
C ASP B 190 4.73 12.58 11.14
N LEU B 191 3.54 12.83 11.69
CA LEU B 191 2.91 14.14 11.60
C LEU B 191 3.65 15.17 12.48
N GLU B 192 4.25 14.74 13.60
CA GLU B 192 5.04 15.62 14.45
C GLU B 192 6.23 16.19 13.68
N LEU B 193 7.00 15.31 13.03
CA LEU B 193 8.16 15.72 12.25
C LEU B 193 7.73 16.60 11.07
N THR B 194 6.55 16.33 10.50
CA THR B 194 6.04 17.06 9.35
C THR B 194 5.67 18.48 9.77
N LEU B 195 4.80 18.59 10.78
CA LEU B 195 4.27 19.88 11.21
C LEU B 195 5.35 20.72 11.87
N ALA B 196 6.35 20.08 12.49
CA ALA B 196 7.46 20.81 13.07
C ALA B 196 8.22 21.56 11.97
N ARG B 197 8.45 20.90 10.84
CA ARG B 197 9.13 21.52 9.71
C ARG B 197 8.26 22.60 9.07
N LEU B 198 6.93 22.38 9.05
CA LEU B 198 5.99 23.31 8.43
C LEU B 198 5.67 24.51 9.31
N THR B 199 6.05 24.45 10.60
CA THR B 199 5.73 25.50 11.56
C THR B 199 6.95 25.77 12.44
N LYS B 200 8.15 25.77 11.84
CA LYS B 200 9.41 25.80 12.57
C LYS B 200 9.48 27.00 13.51
N SER B 201 8.87 28.11 13.10
CA SER B 201 8.71 29.25 13.99
C SER B 201 7.25 29.68 14.02
N GLU B 202 6.40 28.77 14.51
CA GLU B 202 4.96 29.01 14.63
C GLU B 202 4.44 28.21 15.83
N LEU B 203 4.78 26.91 15.89
CA LEU B 203 4.29 26.02 16.93
C LEU B 203 5.46 25.50 17.75
N ASP B 204 5.27 25.40 19.07
CA ASP B 204 6.27 24.91 20.06
C ASP B 204 6.29 23.38 20.08
N GLU B 205 7.42 22.77 20.41
CA GLU B 205 7.53 21.32 20.38
C GLU B 205 6.34 20.63 21.06
N GLU B 206 5.58 21.37 21.87
CA GLU B 206 4.56 20.76 22.72
C GLU B 206 3.16 21.02 22.17
N GLU B 207 3.01 22.03 21.30
CA GLU B 207 1.73 22.29 20.68
C GLU B 207 1.57 21.41 19.42
N VAL B 208 2.68 21.09 18.76
CA VAL B 208 2.64 20.22 17.60
C VAL B 208 2.01 18.89 18.02
N VAL B 209 2.42 18.36 19.19
CA VAL B 209 1.96 17.08 19.70
C VAL B 209 0.43 17.08 19.78
N LEU B 210 -0.12 18.11 20.43
CA LEU B 210 -1.55 18.23 20.62
C LEU B 210 -2.29 18.26 19.28
N VAL B 211 -1.82 19.10 18.35
CA VAL B 211 -2.47 19.27 17.05
C VAL B 211 -2.43 17.96 16.26
N CYS B 212 -1.27 17.32 16.26
CA CYS B 212 -1.09 16.02 15.60
C CYS B 212 -2.09 15.04 16.19
N ASP B 213 -2.11 14.89 17.52
CA ASP B 213 -3.06 14.01 18.18
C ASP B 213 -4.47 14.28 17.69
N LYS B 214 -4.92 15.54 17.71
CA LYS B 214 -6.30 15.87 17.38
C LYS B 214 -6.63 15.42 15.96
N VAL B 215 -5.75 15.75 15.00
CA VAL B 215 -5.94 15.40 13.61
C VAL B 215 -6.00 13.88 13.47
N ILE B 216 -4.97 13.21 13.99
CA ILE B 216 -4.86 11.77 13.79
C ILE B 216 -6.12 11.11 14.33
N GLU B 217 -6.64 11.58 15.47
CA GLU B 217 -7.75 10.94 16.14
C GLU B 217 -9.08 11.17 15.42
N GLU B 218 -9.32 12.38 14.90
CA GLU B 218 -10.52 12.63 14.14
C GLU B 218 -10.48 11.87 12.81
N ALA B 219 -9.30 11.41 12.38
CA ALA B 219 -9.19 10.76 11.08
C ALA B 219 -8.98 9.25 11.17
N ASP B 220 -8.47 8.74 12.30
CA ASP B 220 -8.24 7.31 12.42
C ASP B 220 -9.53 6.64 12.86
N LEU B 221 -10.15 5.86 11.96
CA LEU B 221 -11.41 5.18 12.25
C LEU B 221 -11.20 3.74 12.73
N ASP B 222 -10.01 3.14 12.51
CA ASP B 222 -9.78 1.74 12.85
C ASP B 222 -9.01 1.56 14.17
N GLY B 223 -8.55 2.67 14.78
CA GLY B 223 -8.06 2.64 16.15
C GLY B 223 -6.58 2.26 16.31
N ASP B 224 -5.77 2.41 15.25
CA ASP B 224 -4.36 2.05 15.31
C ASP B 224 -3.49 3.30 15.47
N GLY B 225 -4.09 4.49 15.41
CA GLY B 225 -3.34 5.73 15.48
C GLY B 225 -2.54 6.00 14.20
N LYS B 226 -2.83 5.22 13.15
CA LYS B 226 -2.08 5.32 11.91
C LYS B 226 -3.07 5.55 10.78
N LEU B 227 -2.70 6.43 9.85
CA LEU B 227 -3.58 6.77 8.74
C LEU B 227 -3.11 6.05 7.48
N GLY B 228 -4.08 5.46 6.75
CA GLY B 228 -3.86 4.96 5.40
C GLY B 228 -4.14 6.08 4.40
N PHE B 229 -4.06 5.78 3.10
CA PHE B 229 -4.08 6.85 2.11
C PHE B 229 -5.44 7.54 2.16
N ALA B 230 -6.52 6.77 2.21
CA ALA B 230 -7.88 7.33 2.17
C ALA B 230 -8.14 8.25 3.37
N ASP B 231 -7.72 7.80 4.56
CA ASP B 231 -7.86 8.61 5.77
C ASP B 231 -6.98 9.85 5.67
N PHE B 232 -5.77 9.72 5.11
CA PHE B 232 -4.88 10.86 4.94
C PHE B 232 -5.51 11.89 3.99
N GLU B 233 -6.17 11.41 2.93
CA GLU B 233 -6.84 12.29 1.98
C GLU B 233 -7.87 13.15 2.72
N ASP B 234 -8.71 12.50 3.52
CA ASP B 234 -9.74 13.17 4.31
C ASP B 234 -9.10 14.19 5.25
N MET B 235 -7.94 13.83 5.83
CA MET B 235 -7.26 14.74 6.75
C MET B 235 -6.65 15.92 6.00
N ILE B 236 -6.51 15.82 4.67
CA ILE B 236 -5.98 16.90 3.85
C ILE B 236 -7.12 17.83 3.39
N ALA B 237 -8.32 17.26 3.19
CA ALA B 237 -9.49 18.07 2.85
C ALA B 237 -9.74 19.11 3.95
N LYS B 238 -9.96 18.65 5.19
CA LYS B 238 -9.74 19.51 6.34
C LYS B 238 -8.24 19.75 6.44
N ALA B 239 -7.81 20.82 7.14
CA ALA B 239 -6.38 21.08 7.24
C ALA B 239 -5.73 21.00 5.85
N PRO B 240 -6.03 21.95 4.94
CA PRO B 240 -5.49 21.89 3.59
C PRO B 240 -4.05 22.39 3.48
N ASP B 241 -3.54 23.00 4.57
CA ASP B 241 -2.22 23.61 4.58
C ASP B 241 -1.12 22.57 4.66
N PHE B 242 -1.49 21.29 4.80
CA PHE B 242 -0.53 20.20 4.71
C PHE B 242 -0.01 20.05 3.28
N LEU B 243 -0.71 20.64 2.28
CA LEU B 243 -0.33 20.50 0.87
C LEU B 243 0.35 21.76 0.31
N SER B 244 0.72 22.70 1.19
CA SER B 244 1.31 23.97 0.81
C SER B 244 2.79 23.80 0.43
N THR B 245 3.38 22.69 0.86
CA THR B 245 4.75 22.33 0.52
C THR B 245 4.84 21.94 -0.95
N PHE B 246 3.71 21.56 -1.55
CA PHE B 246 3.70 20.92 -2.87
C PHE B 246 3.14 21.89 -3.90
N HIS B 247 3.23 23.20 -3.61
CA HIS B 247 2.87 24.26 -4.55
C HIS B 247 4.12 25.08 -4.87
N ILE B 248 4.86 24.67 -5.91
CA ILE B 248 6.11 25.33 -6.28
C ILE B 248 6.06 25.68 -7.77
N ARG B 249 6.36 26.95 -8.07
CA ARG B 249 6.38 27.45 -9.44
C ARG B 249 7.82 27.38 -9.98
N ILE B 250 7.98 26.81 -11.18
CA ILE B 250 9.27 26.71 -11.84
C ILE B 250 9.27 27.65 -13.05
MG MG C . 2.85 -7.12 -9.70
MG MG D . -4.63 -0.62 -13.34
MG MG E . 4.45 6.16 8.85
MG MG F . -5.81 3.66 11.03
#